data_4EAK
#
_entry.id   4EAK
#
_cell.length_a   176.558
_cell.length_b   40.508
_cell.length_c   77.598
_cell.angle_alpha   90.000
_cell.angle_beta   105.110
_cell.angle_gamma   90.000
#
_symmetry.space_group_name_H-M   'C 1 2 1'
#
loop_
_entity.id
_entity.type
_entity.pdbx_description
1 polymer "5'-AMP-activated protein kinase catalytic subunit alpha-1"
2 polymer "5'-AMP-activated protein kinase subunit beta-1"
3 polymer "5'-AMP-activated protein kinase subunit gamma-1"
4 non-polymer "ADENOSINE-5'-TRIPHOSPHATE"
5 non-polymer TRIS(HYDROXYETHYL)AMINOMETHANE
6 water water
#
loop_
_entity_poly.entity_id
_entity_poly.type
_entity_poly.pdbx_seq_one_letter_code
_entity_poly.pdbx_strand_id
1 'polypeptide(L)'
;GPHMGAKWHLGIRSQSRPNDIMAEVCRAIKQLDYEWKVVNPYYLRVRRKNPVTSTFSKMSLQLYQVDSRTYLLDFRSIDD
GGGGGGGSHTIEFFEMCANLIKILAQ
;
A
2 'polypeptide(L)' MFKAPPILPPHLLQVILNKDTGISCDPALLPEPNHVMLNHLYALSIKDGVMVLSATHRYKKKYVTTLLYKPI B
3 'polypeptide(L)'
;MESVAAESAPAPENEHSQETPESNSSVYTTFMKSHRCYDLIPTSSKLVVFDTSLQVKKAFFALVTNGVRAAPLWDSKKQS
FVGMLTITDFINILHRYYKSALVQIYELEEHKIETWREVYLQDSFKPLVCISPNASLFDAVSSLIRNKIHRLPVIDPESG
NTLYILTHKRILKFLKLFITEFPKPEFMSKSLEELQIGTYANIAMVRTTTPVYVALGIFVQHRVSALPVVDEKGRVVDIY
SKFDVINLAAEKTYNNLDVSVTKALQHRSHYFEGVLKCYLHETLEAIINRLVEAEVHRLVVVDEHDVVKGIVSLSDILQA
LVLTGGEKKP
;
C
#
loop_
_chem_comp.id
_chem_comp.type
_chem_comp.name
_chem_comp.formula
ATP non-polymer ADENOSINE-5'-TRIPHOSPHATE 'C10 H16 N5 O13 P3'
TAM non-polymer TRIS(HYDROXYETHYL)AMINOMETHANE 'C7 H17 N O3'
#
# COMPACT_ATOMS: atom_id res chain seq x y z
N TRP A 8 -7.30 -18.99 -8.38
CA TRP A 8 -6.26 -18.52 -9.29
C TRP A 8 -5.88 -19.60 -10.30
N HIS A 9 -5.37 -19.17 -11.44
CA HIS A 9 -5.01 -20.09 -12.52
C HIS A 9 -3.52 -20.11 -12.80
N LEU A 10 -2.96 -21.31 -12.89
CA LEU A 10 -1.56 -21.48 -13.25
C LEU A 10 -1.41 -21.33 -14.77
N GLY A 11 -0.60 -20.36 -15.19
CA GLY A 11 -0.35 -20.13 -16.59
C GLY A 11 -1.62 -20.07 -17.43
N ILE A 12 -1.50 -20.40 -18.71
CA ILE A 12 -2.64 -20.42 -19.62
C ILE A 12 -2.81 -21.79 -20.26
N ARG A 13 -4.04 -22.10 -20.65
CA ARG A 13 -4.32 -23.40 -21.25
C ARG A 13 -4.57 -23.29 -22.75
N SER A 14 -4.38 -24.40 -23.45
CA SER A 14 -4.61 -24.46 -24.89
C SER A 14 -4.88 -25.90 -25.31
N GLN A 15 -5.74 -26.08 -26.31
CA GLN A 15 -6.08 -27.40 -26.80
C GLN A 15 -5.60 -27.64 -28.23
N SER A 16 -4.73 -26.76 -28.70
CA SER A 16 -4.10 -26.94 -30.00
C SER A 16 -2.96 -27.95 -29.87
N ARG A 17 -2.46 -28.41 -31.02
CA ARG A 17 -1.38 -29.40 -31.03
C ARG A 17 -0.09 -28.79 -30.51
N PRO A 18 0.57 -29.50 -29.58
CA PRO A 18 1.78 -29.04 -28.88
C PRO A 18 2.76 -28.30 -29.80
N ASN A 19 3.09 -28.89 -30.93
CA ASN A 19 4.01 -28.27 -31.88
C ASN A 19 3.51 -26.90 -32.35
N ASP A 20 2.21 -26.81 -32.63
CA ASP A 20 1.60 -25.56 -33.04
C ASP A 20 1.69 -24.52 -31.93
N ILE A 21 1.35 -24.94 -30.71
CA ILE A 21 1.44 -24.06 -29.55
C ILE A 21 2.83 -23.45 -29.45
N MET A 22 3.85 -24.29 -29.60
CA MET A 22 5.24 -23.84 -29.50
C MET A 22 5.64 -22.98 -30.69
N ALA A 23 5.08 -23.28 -31.85
CA ALA A 23 5.30 -22.44 -33.02
C ALA A 23 4.73 -21.06 -32.72
N GLU A 24 3.55 -21.01 -32.09
CA GLU A 24 2.96 -19.72 -31.74
C GLU A 24 3.79 -18.92 -30.74
N VAL A 25 4.25 -19.58 -29.70
CA VAL A 25 5.06 -18.88 -28.70
C VAL A 25 6.28 -18.19 -29.32
N CYS A 26 7.05 -18.94 -30.11
CA CYS A 26 8.23 -18.39 -30.78
C CYS A 26 7.86 -17.18 -31.63
N ARG A 27 6.78 -17.30 -32.38
CA ARG A 27 6.26 -16.20 -33.17
C ARG A 27 5.98 -14.99 -32.28
N ALA A 28 5.22 -15.23 -31.22
CA ALA A 28 4.89 -14.19 -30.26
C ALA A 28 6.16 -13.53 -29.71
N ILE A 29 7.15 -14.35 -29.39
CA ILE A 29 8.40 -13.86 -28.85
C ILE A 29 9.15 -12.99 -29.87
N LYS A 30 9.09 -13.38 -31.13
CA LYS A 30 9.76 -12.62 -32.18
C LYS A 30 9.05 -11.29 -32.41
N GLN A 31 7.73 -11.31 -32.45
CA GLN A 31 6.94 -10.09 -32.51
C GLN A 31 7.34 -9.22 -31.33
N LEU A 32 7.59 -9.86 -30.20
CA LEU A 32 8.00 -9.18 -28.98
C LEU A 32 9.41 -8.64 -29.10
N ASP A 33 10.22 -9.32 -29.91
CA ASP A 33 11.63 -8.97 -30.10
C ASP A 33 12.47 -9.49 -28.93
N TYR A 34 11.85 -10.31 -28.09
CA TYR A 34 12.57 -10.97 -27.00
C TYR A 34 13.46 -12.08 -27.58
N GLU A 35 14.71 -12.14 -27.13
CA GLU A 35 15.58 -13.24 -27.52
C GLU A 35 15.18 -14.50 -26.77
N TRP A 36 15.32 -15.66 -27.41
CA TRP A 36 14.94 -16.92 -26.79
C TRP A 36 15.84 -18.08 -27.20
N LYS A 37 15.86 -19.12 -26.37
CA LYS A 37 16.65 -20.31 -26.63
C LYS A 37 15.84 -21.56 -26.30
N VAL A 38 16.26 -22.71 -26.79
CA VAL A 38 15.47 -23.92 -26.66
C VAL A 38 16.18 -25.04 -25.90
N VAL A 39 15.80 -25.24 -24.65
CA VAL A 39 16.38 -26.29 -23.84
C VAL A 39 15.79 -27.64 -24.20
N ASN A 40 14.53 -27.63 -24.57
CA ASN A 40 13.77 -28.82 -24.78
C ASN A 40 12.90 -28.43 -25.93
N PRO A 41 12.24 -29.37 -26.53
CA PRO A 41 11.37 -29.08 -27.65
C PRO A 41 10.24 -28.19 -27.20
N TYR A 42 9.73 -28.45 -26.00
CA TYR A 42 8.66 -27.67 -25.43
C TYR A 42 9.03 -27.26 -24.02
N TYR A 43 10.03 -26.41 -23.95
CA TYR A 43 10.51 -25.77 -22.77
C TYR A 43 11.34 -24.67 -23.34
N LEU A 44 11.47 -23.56 -22.66
CA LEU A 44 12.22 -22.45 -23.20
C LEU A 44 12.75 -21.48 -22.13
N ARG A 45 13.70 -20.67 -22.54
CA ARG A 45 14.25 -19.62 -21.70
C ARG A 45 14.17 -18.31 -22.49
N VAL A 46 13.45 -17.33 -21.95
CA VAL A 46 13.26 -16.07 -22.65
C VAL A 46 13.96 -14.91 -21.93
N ARG A 47 14.78 -14.19 -22.67
CA ARG A 47 15.47 -13.04 -22.12
C ARG A 47 14.99 -11.74 -22.76
N ARG A 48 14.33 -10.91 -21.95
CA ARG A 48 13.99 -9.57 -22.39
C ARG A 48 14.99 -8.59 -21.81
N LYS A 49 15.78 -7.96 -22.67
CA LYS A 49 16.61 -6.87 -22.20
C LYS A 49 15.68 -5.71 -21.93
N ASN A 50 16.10 -4.82 -21.03
CA ASN A 50 15.21 -3.72 -20.65
C ASN A 50 15.55 -2.42 -21.34
N PRO A 51 14.58 -1.90 -22.11
CA PRO A 51 14.70 -0.62 -22.82
C PRO A 51 15.04 0.55 -21.91
N VAL A 52 14.26 0.77 -20.85
CA VAL A 52 14.46 1.93 -19.98
C VAL A 52 15.61 1.75 -19.00
N THR A 53 15.54 0.67 -18.22
CA THR A 53 16.57 0.42 -17.20
C THR A 53 17.78 -0.32 -17.75
N SER A 54 17.79 -0.55 -19.06
CA SER A 54 18.94 -1.17 -19.71
C SER A 54 19.45 -2.40 -18.97
N THR A 55 18.53 -3.13 -18.34
CA THR A 55 18.89 -4.32 -17.59
C THR A 55 18.25 -5.54 -18.21
N PHE A 56 18.46 -6.71 -17.60
CA PHE A 56 17.88 -7.93 -18.14
C PHE A 56 16.81 -8.52 -17.24
N SER A 57 15.78 -9.06 -17.87
CA SER A 57 14.79 -9.88 -17.18
C SER A 57 14.68 -11.20 -17.91
N LYS A 58 14.81 -12.29 -17.17
CA LYS A 58 14.77 -13.62 -17.77
C LYS A 58 13.67 -14.46 -17.13
N MET A 59 12.96 -15.22 -17.96
CA MET A 59 11.96 -16.16 -17.47
C MET A 59 12.08 -17.47 -18.22
N SER A 60 11.30 -18.45 -17.82
CA SER A 60 11.27 -19.75 -18.49
C SER A 60 9.85 -20.19 -18.83
N LEU A 61 9.68 -20.86 -19.96
CA LEU A 61 8.39 -21.43 -20.33
C LEU A 61 8.52 -22.93 -20.48
N GLN A 62 7.63 -23.66 -19.85
CA GLN A 62 7.59 -25.10 -20.01
C GLN A 62 6.19 -25.52 -20.41
N LEU A 63 6.07 -26.31 -21.46
CA LEU A 63 4.75 -26.79 -21.83
C LEU A 63 4.46 -28.14 -21.20
N TYR A 64 3.40 -28.16 -20.39
CA TYR A 64 2.90 -29.40 -19.82
C TYR A 64 1.61 -29.82 -20.51
N GLN A 65 1.33 -31.11 -20.47
CA GLN A 65 0.04 -31.62 -20.86
C GLN A 65 -0.81 -31.71 -19.60
N VAL A 66 -2.13 -31.66 -19.72
CA VAL A 66 -2.98 -31.76 -18.54
C VAL A 66 -3.95 -32.94 -18.66
N ASP A 67 -4.50 -33.11 -19.86
CA ASP A 67 -5.29 -34.29 -20.17
C ASP A 67 -5.13 -34.63 -21.64
N SER A 68 -5.88 -35.62 -22.11
CA SER A 68 -5.77 -36.10 -23.48
C SER A 68 -5.84 -34.97 -24.52
N ARG A 69 -6.69 -33.97 -24.26
CA ARG A 69 -6.96 -32.94 -25.25
C ARG A 69 -6.40 -31.56 -24.88
N THR A 70 -5.89 -31.43 -23.66
CA THR A 70 -5.51 -30.11 -23.14
C THR A 70 -4.04 -30.02 -22.73
N TYR A 71 -3.46 -28.83 -22.93
CA TYR A 71 -2.08 -28.56 -22.53
C TYR A 71 -1.99 -27.28 -21.69
N LEU A 72 -1.01 -27.23 -20.80
CA LEU A 72 -0.82 -26.10 -19.90
C LEU A 72 0.53 -25.42 -20.16
N LEU A 73 0.50 -24.13 -20.46
CA LEU A 73 1.73 -23.37 -20.62
C LEU A 73 2.12 -22.69 -19.31
N ASP A 74 3.30 -23.04 -18.79
CA ASP A 74 3.75 -22.54 -17.50
C ASP A 74 4.80 -21.43 -17.62
N PHE A 75 4.59 -20.35 -16.89
CA PHE A 75 5.52 -19.24 -16.87
C PHE A 75 6.30 -19.24 -15.55
N ARG A 76 7.62 -19.31 -15.63
CA ARG A 76 8.45 -19.25 -14.42
C ARG A 76 9.56 -18.22 -14.54
N SER A 77 9.63 -17.33 -13.56
CA SER A 77 10.65 -16.28 -13.55
C SER A 77 12.01 -16.83 -13.12
N ILE A 78 13.08 -16.16 -13.55
CA ILE A 78 14.43 -16.62 -13.26
C ILE A 78 15.18 -15.63 -12.37
N ASP A 79 15.72 -16.14 -11.27
CA ASP A 79 16.46 -15.31 -10.32
C ASP A 79 17.94 -15.25 -10.68
N GLY A 87 14.05 -0.64 -11.88
CA GLY A 87 12.71 -1.19 -11.88
C GLY A 87 12.57 -2.38 -10.95
N SER A 88 11.49 -3.14 -11.12
CA SER A 88 11.22 -4.32 -10.31
C SER A 88 11.20 -5.59 -11.16
N HIS A 89 11.94 -6.60 -10.71
CA HIS A 89 12.05 -7.87 -11.42
C HIS A 89 10.76 -8.68 -11.40
N THR A 90 10.02 -8.62 -10.29
CA THR A 90 8.72 -9.27 -10.21
C THR A 90 7.74 -8.65 -11.21
N ILE A 91 7.68 -7.32 -11.21
CA ILE A 91 6.75 -6.60 -12.07
C ILE A 91 7.10 -6.76 -13.54
N GLU A 92 8.39 -6.70 -13.85
CA GLU A 92 8.87 -6.89 -15.21
C GLU A 92 8.54 -8.30 -15.70
N PHE A 93 8.62 -9.27 -14.79
CA PHE A 93 8.23 -10.64 -15.10
C PHE A 93 6.76 -10.69 -15.49
N PHE A 94 5.92 -10.00 -14.73
CA PHE A 94 4.51 -9.91 -15.04
C PHE A 94 4.29 -9.28 -16.42
N GLU A 95 5.04 -8.22 -16.69
CA GLU A 95 4.91 -7.50 -17.96
C GLU A 95 5.33 -8.36 -19.15
N MET A 96 6.40 -9.12 -18.98
CA MET A 96 6.87 -10.03 -20.03
C MET A 96 5.81 -11.10 -20.30
N CYS A 97 5.21 -11.61 -19.24
CA CYS A 97 4.16 -12.62 -19.37
C CYS A 97 2.90 -12.04 -20.01
N ALA A 98 2.53 -10.83 -19.57
CA ALA A 98 1.33 -10.16 -20.08
C ALA A 98 1.39 -9.95 -21.58
N ASN A 99 2.53 -9.46 -22.06
CA ASN A 99 2.73 -9.23 -23.50
C ASN A 99 2.59 -10.53 -24.29
N LEU A 100 3.27 -11.58 -23.83
CA LEU A 100 3.19 -12.88 -24.47
C LEU A 100 1.74 -13.35 -24.60
N ILE A 101 1.02 -13.30 -23.48
CA ILE A 101 -0.35 -13.78 -23.44
C ILE A 101 -1.29 -12.93 -24.31
N LYS A 102 -0.99 -11.64 -24.44
CA LYS A 102 -1.81 -10.75 -25.26
C LYS A 102 -1.73 -11.18 -26.72
N ILE A 103 -0.52 -11.47 -27.18
CA ILE A 103 -0.30 -11.93 -28.54
C ILE A 103 -0.92 -13.31 -28.75
N LEU A 104 -0.77 -14.17 -27.75
CA LEU A 104 -1.37 -15.50 -27.79
C LEU A 104 -2.89 -15.41 -27.67
N ALA A 105 -3.37 -14.36 -27.03
CA ALA A 105 -4.80 -14.13 -26.85
C ALA A 105 -5.48 -13.96 -28.20
N GLN A 106 -4.81 -13.25 -29.10
CA GLN A 106 -5.32 -13.04 -30.45
C GLN A 106 -5.66 -14.38 -31.11
N ALA B 4 5.29 -36.51 -26.59
CA ALA B 4 5.84 -35.18 -26.72
C ALA B 4 5.92 -34.50 -25.36
N PRO B 5 5.04 -33.54 -25.10
CA PRO B 5 5.09 -32.79 -23.86
C PRO B 5 4.83 -33.56 -22.60
N PRO B 6 5.66 -33.22 -21.62
CA PRO B 6 5.69 -33.84 -20.32
C PRO B 6 4.46 -33.50 -19.58
N ILE B 7 3.95 -34.37 -18.75
CA ILE B 7 2.79 -33.99 -17.97
C ILE B 7 3.15 -33.12 -16.78
N HIS B 35 4.68 -25.10 -2.18
CA HIS B 35 5.84 -24.24 -2.38
C HIS B 35 6.56 -24.57 -3.69
N VAL B 36 6.01 -25.54 -4.43
CA VAL B 36 6.51 -25.86 -5.75
C VAL B 36 6.20 -24.68 -6.67
N MET B 37 5.04 -24.09 -6.44
CA MET B 37 4.55 -22.97 -7.25
C MET B 37 5.49 -21.77 -7.25
N LEU B 38 6.23 -21.59 -6.16
CA LEU B 38 7.19 -20.50 -6.04
C LEU B 38 7.78 -20.11 -7.39
N ASN B 39 7.56 -18.85 -7.79
CA ASN B 39 8.05 -18.31 -9.06
C ASN B 39 7.16 -18.55 -10.27
N HIS B 40 6.00 -19.16 -10.07
CA HIS B 40 5.09 -19.45 -11.19
C HIS B 40 3.99 -18.42 -11.34
N LEU B 41 3.78 -17.97 -12.58
CA LEU B 41 2.74 -16.99 -12.88
C LEU B 41 1.36 -17.54 -12.55
N TYR B 42 0.56 -16.71 -11.89
CA TYR B 42 -0.83 -17.04 -11.61
C TYR B 42 -1.74 -15.92 -12.10
N ALA B 43 -3.01 -16.23 -12.35
CA ALA B 43 -3.91 -15.25 -12.94
C ALA B 43 -5.35 -15.38 -12.47
N LEU B 44 -5.98 -14.23 -12.25
CA LEU B 44 -7.43 -14.17 -12.14
C LEU B 44 -7.95 -13.92 -13.54
N SER B 45 -9.17 -14.37 -13.82
CA SER B 45 -9.75 -14.16 -15.14
C SER B 45 -10.02 -12.68 -15.38
N ILE B 46 -9.81 -12.23 -16.61
CA ILE B 46 -9.91 -10.81 -16.93
C ILE B 46 -11.32 -10.26 -16.78
N LYS B 47 -11.42 -9.09 -16.15
CA LYS B 47 -12.70 -8.39 -16.02
C LYS B 47 -12.50 -6.88 -16.19
N ASP B 48 -13.36 -6.27 -16.99
CA ASP B 48 -13.31 -4.82 -17.21
C ASP B 48 -12.01 -4.37 -17.87
N GLY B 49 -11.46 -5.20 -18.74
CA GLY B 49 -10.26 -4.85 -19.47
C GLY B 49 -9.04 -4.68 -18.60
N VAL B 50 -9.10 -5.21 -17.38
CA VAL B 50 -7.94 -5.22 -16.50
C VAL B 50 -7.50 -6.65 -16.24
N MET B 51 -6.20 -6.86 -16.24
CA MET B 51 -5.63 -8.18 -16.03
C MET B 51 -4.88 -8.24 -14.70
N VAL B 52 -5.18 -9.24 -13.89
CA VAL B 52 -4.51 -9.40 -12.61
C VAL B 52 -3.54 -10.56 -12.64
N LEU B 53 -2.25 -10.24 -12.57
CA LEU B 53 -1.21 -11.26 -12.54
C LEU B 53 -0.64 -11.37 -11.14
N SER B 54 -0.47 -12.59 -10.65
CA SER B 54 0.08 -12.80 -9.33
C SER B 54 1.16 -13.87 -9.33
N ALA B 55 2.09 -13.76 -8.40
CA ALA B 55 3.16 -14.74 -8.24
C ALA B 55 3.72 -14.62 -6.84
N THR B 56 4.21 -15.73 -6.31
CA THR B 56 4.84 -15.72 -4.99
C THR B 56 6.34 -15.89 -5.12
N HIS B 57 7.08 -14.88 -4.64
CA HIS B 57 8.54 -14.94 -4.66
C HIS B 57 9.08 -14.92 -3.25
N ARG B 58 10.28 -15.45 -3.06
CA ARG B 58 10.89 -15.51 -1.74
C ARG B 58 11.97 -14.46 -1.58
N TYR B 59 11.95 -13.76 -0.44
CA TYR B 59 13.04 -12.89 -0.08
C TYR B 59 13.59 -13.43 1.23
N LYS B 60 14.76 -14.01 1.20
CA LYS B 60 15.29 -14.54 2.43
C LYS B 60 14.30 -15.51 2.97
N LYS B 61 13.90 -15.34 4.21
CA LYS B 61 12.95 -16.25 4.83
C LYS B 61 11.52 -15.78 4.74
N LYS B 62 11.27 -14.76 3.95
CA LYS B 62 9.94 -14.19 3.79
C LYS B 62 9.40 -14.47 2.40
N TYR B 63 8.09 -14.64 2.29
CA TYR B 63 7.46 -14.91 1.00
C TYR B 63 6.47 -13.80 0.67
N VAL B 64 6.60 -13.24 -0.53
CA VAL B 64 5.74 -12.15 -0.97
C VAL B 64 4.90 -12.56 -2.17
N THR B 65 3.59 -12.54 -2.01
CA THR B 65 2.67 -12.77 -3.12
C THR B 65 2.23 -11.43 -3.68
N THR B 66 2.68 -11.14 -4.90
CA THR B 66 2.39 -9.84 -5.52
C THR B 66 1.28 -9.94 -6.55
N LEU B 67 0.32 -9.01 -6.46
CA LEU B 67 -0.76 -8.93 -7.43
C LEU B 67 -0.65 -7.63 -8.23
N LEU B 68 -0.48 -7.78 -9.54
CA LEU B 68 -0.39 -6.61 -10.42
C LEU B 68 -1.68 -6.39 -11.21
N TYR B 69 -2.34 -5.28 -10.92
CA TYR B 69 -3.50 -4.86 -11.69
C TYR B 69 -3.03 -3.97 -12.84
N LYS B 70 -3.03 -4.51 -14.05
CA LYS B 70 -2.61 -3.75 -15.22
C LYS B 70 -3.69 -3.73 -16.29
N PRO B 71 -4.01 -2.52 -16.80
CA PRO B 71 -4.95 -2.38 -17.92
C PRO B 71 -4.52 -3.22 -19.12
N ILE B 72 -5.45 -3.95 -19.72
CA ILE B 72 -5.11 -4.79 -20.83
C ILE B 72 -4.69 -4.00 -22.05
N SER C 23 21.06 3.04 29.02
CA SER C 23 20.22 3.92 28.21
C SER C 23 18.76 3.60 28.41
N ASN C 24 18.32 3.57 29.67
CA ASN C 24 16.92 3.28 29.96
C ASN C 24 15.96 4.32 29.40
N SER C 25 16.33 5.59 29.50
CA SER C 25 15.47 6.66 29.02
C SER C 25 15.61 6.89 27.52
N SER C 26 16.50 6.14 26.89
CA SER C 26 16.65 6.18 25.43
C SER C 26 16.51 4.77 24.86
N VAL C 27 16.14 3.83 25.73
CA VAL C 27 15.95 2.43 25.36
C VAL C 27 15.23 2.22 24.04
N TYR C 28 14.07 2.85 23.87
CA TYR C 28 13.27 2.65 22.65
C TYR C 28 14.01 3.07 21.37
N THR C 29 14.69 4.21 21.42
CA THR C 29 15.52 4.64 20.32
C THR C 29 16.56 3.57 19.98
N THR C 30 17.22 3.06 21.01
CA THR C 30 18.23 2.02 20.84
C THR C 30 17.63 0.77 20.22
N PHE C 31 16.46 0.38 20.73
CA PHE C 31 15.76 -0.80 20.23
C PHE C 31 15.44 -0.68 18.74
N MET C 32 15.01 0.51 18.34
CA MET C 32 14.62 0.75 16.95
C MET C 32 15.82 0.79 16.01
N LYS C 33 16.94 1.33 16.51
CA LYS C 33 18.17 1.34 15.74
C LYS C 33 18.76 -0.06 15.64
N SER C 34 18.31 -0.94 16.54
CA SER C 34 18.83 -2.30 16.61
C SER C 34 18.17 -3.23 15.59
N HIS C 35 16.96 -2.89 15.17
CA HIS C 35 16.18 -3.76 14.28
C HIS C 35 15.99 -3.18 12.88
N ARG C 36 15.78 -4.07 11.92
CA ARG C 36 15.59 -3.68 10.53
C ARG C 36 14.13 -3.72 10.12
N CYS C 37 13.81 -3.05 9.02
CA CYS C 37 12.45 -3.06 8.47
C CYS C 37 12.08 -4.49 8.08
N TYR C 38 13.09 -5.29 7.77
CA TYR C 38 12.89 -6.68 7.40
C TYR C 38 12.24 -7.46 8.54
N ASP C 39 12.48 -7.01 9.76
CA ASP C 39 12.04 -7.74 10.95
C ASP C 39 10.52 -7.80 11.12
N LEU C 40 9.81 -6.74 10.75
CA LEU C 40 8.36 -6.73 10.91
C LEU C 40 7.60 -7.02 9.60
N ILE C 41 8.31 -7.54 8.60
CA ILE C 41 7.65 -8.09 7.42
C ILE C 41 7.18 -9.49 7.75
N PRO C 42 5.90 -9.79 7.46
CA PRO C 42 5.31 -11.10 7.77
C PRO C 42 5.99 -12.24 7.01
N THR C 43 5.94 -13.44 7.58
CA THR C 43 6.50 -14.63 6.93
C THR C 43 5.90 -14.81 5.55
N SER C 44 4.58 -14.74 5.47
CA SER C 44 3.88 -14.75 4.19
C SER C 44 2.99 -13.53 4.10
N SER C 45 3.15 -12.75 3.04
CA SER C 45 2.36 -11.54 2.86
C SER C 45 1.90 -11.34 1.43
N LYS C 46 0.83 -10.56 1.27
CA LYS C 46 0.26 -10.28 -0.03
C LYS C 46 0.43 -8.79 -0.36
N LEU C 47 0.89 -8.51 -1.57
CA LEU C 47 1.13 -7.13 -2.00
C LEU C 47 0.35 -6.78 -3.26
N VAL C 48 -0.58 -5.84 -3.14
CA VAL C 48 -1.37 -5.40 -4.28
C VAL C 48 -0.71 -4.21 -4.96
N VAL C 49 -0.47 -4.33 -6.26
CA VAL C 49 0.21 -3.30 -7.03
C VAL C 49 -0.64 -2.84 -8.22
N PHE C 50 -0.70 -1.54 -8.42
CA PHE C 50 -1.42 -0.97 -9.55
C PHE C 50 -0.45 -0.44 -10.61
N ASP C 51 -0.84 -0.57 -11.86
CA ASP C 51 -0.17 0.16 -12.93
C ASP C 51 -0.82 1.53 -12.98
N THR C 52 -0.03 2.57 -13.22
CA THR C 52 -0.54 3.93 -13.18
C THR C 52 -1.54 4.21 -14.30
N SER C 53 -1.54 3.36 -15.33
CA SER C 53 -2.47 3.51 -16.43
C SER C 53 -3.88 3.08 -16.01
N LEU C 54 -3.97 2.45 -14.86
CA LEU C 54 -5.24 1.98 -14.32
C LEU C 54 -6.20 3.15 -14.11
N GLN C 55 -7.49 2.91 -14.36
CA GLN C 55 -8.51 3.92 -14.09
C GLN C 55 -8.76 4.04 -12.59
N VAL C 56 -8.89 5.28 -12.13
CA VAL C 56 -9.07 5.56 -10.71
C VAL C 56 -10.22 4.75 -10.11
N LYS C 57 -11.33 4.66 -10.84
CA LYS C 57 -12.52 3.94 -10.38
C LYS C 57 -12.21 2.47 -10.13
N LYS C 58 -11.57 1.84 -11.11
CA LYS C 58 -11.23 0.43 -11.02
C LYS C 58 -10.21 0.18 -9.92
N ALA C 59 -9.25 1.09 -9.80
CA ALA C 59 -8.27 1.05 -8.74
C ALA C 59 -8.97 1.13 -7.39
N PHE C 60 -9.94 2.03 -7.27
CA PHE C 60 -10.70 2.19 -6.04
C PHE C 60 -11.42 0.89 -5.67
N PHE C 61 -12.01 0.25 -6.66
CA PHE C 61 -12.73 -1.01 -6.43
C PHE C 61 -11.76 -2.15 -6.14
N ALA C 62 -10.58 -2.09 -6.75
CA ALA C 62 -9.53 -3.07 -6.48
C ALA C 62 -9.08 -2.97 -5.03
N LEU C 63 -8.99 -1.73 -4.54
CA LEU C 63 -8.63 -1.47 -3.15
C LEU C 63 -9.64 -2.09 -2.20
N VAL C 64 -10.91 -1.94 -2.53
CA VAL C 64 -12.00 -2.42 -1.67
C VAL C 64 -12.08 -3.94 -1.62
N THR C 65 -12.09 -4.58 -2.79
CA THR C 65 -12.19 -6.03 -2.87
C THR C 65 -11.02 -6.72 -2.16
N ASN C 66 -9.85 -6.09 -2.18
CA ASN C 66 -8.68 -6.62 -1.50
C ASN C 66 -8.63 -6.24 -0.03
N GLY C 67 -9.41 -5.24 0.35
CA GLY C 67 -9.48 -4.80 1.73
C GLY C 67 -8.26 -4.03 2.18
N VAL C 68 -7.75 -3.17 1.32
CA VAL C 68 -6.60 -2.33 1.64
C VAL C 68 -6.91 -0.86 1.36
N ARG C 69 -6.27 0.03 2.11
CA ARG C 69 -6.55 1.46 1.96
C ARG C 69 -5.56 2.18 1.03
N ALA C 70 -4.46 1.51 0.70
CA ALA C 70 -3.46 2.10 -0.19
C ALA C 70 -2.71 1.04 -0.98
N ALA C 71 -2.10 1.46 -2.09
CA ALA C 71 -1.35 0.55 -2.95
C ALA C 71 -0.18 1.23 -3.63
N PRO C 72 0.95 0.52 -3.74
CA PRO C 72 2.13 1.03 -4.45
C PRO C 72 1.82 1.25 -5.93
N LEU C 73 2.44 2.26 -6.52
CA LEU C 73 2.20 2.59 -7.92
C LEU C 73 3.41 2.24 -8.80
N TRP C 74 3.15 1.51 -9.87
CA TRP C 74 4.20 1.14 -10.82
C TRP C 74 3.95 1.81 -12.17
N ASP C 75 4.92 2.60 -12.61
CA ASP C 75 4.83 3.27 -13.91
C ASP C 75 5.56 2.45 -14.97
N SER C 76 4.82 2.03 -15.99
CA SER C 76 5.37 1.16 -17.03
C SER C 76 6.37 1.89 -17.92
N LYS C 77 6.05 3.14 -18.24
CA LYS C 77 6.95 3.96 -19.06
C LYS C 77 8.29 4.13 -18.38
N LYS C 78 8.27 4.38 -17.09
CA LYS C 78 9.49 4.65 -16.33
C LYS C 78 10.12 3.36 -15.81
N GLN C 79 9.35 2.28 -15.85
CA GLN C 79 9.80 1.01 -15.28
C GLN C 79 10.25 1.25 -13.85
N SER C 80 9.39 1.92 -13.07
CA SER C 80 9.73 2.31 -11.71
C SER C 80 8.50 2.47 -10.84
N PHE C 81 8.66 2.28 -9.53
CA PHE C 81 7.62 2.64 -8.57
C PHE C 81 7.67 4.14 -8.35
N VAL C 82 6.54 4.80 -8.51
CA VAL C 82 6.52 6.27 -8.49
C VAL C 82 5.83 6.87 -7.27
N GLY C 83 5.20 6.03 -6.45
CA GLY C 83 4.55 6.52 -5.25
C GLY C 83 3.39 5.65 -4.77
N MET C 84 2.55 6.24 -3.92
CA MET C 84 1.41 5.52 -3.35
C MET C 84 0.09 6.11 -3.79
N LEU C 85 -0.95 5.29 -3.78
CA LEU C 85 -2.31 5.75 -4.00
C LEU C 85 -3.07 5.67 -2.69
N THR C 86 -3.36 6.82 -2.09
CA THR C 86 -3.98 6.85 -0.78
C THR C 86 -5.30 7.62 -0.77
N ILE C 87 -5.99 7.56 0.36
CA ILE C 87 -7.27 8.24 0.53
C ILE C 87 -7.15 9.74 0.25
N THR C 88 -6.00 10.30 0.59
CA THR C 88 -5.76 11.73 0.37
C THR C 88 -5.78 12.08 -1.10
N ASP C 89 -5.20 11.21 -1.92
CA ASP C 89 -5.21 11.40 -3.37
C ASP C 89 -6.64 11.49 -3.89
N PHE C 90 -7.50 10.64 -3.36
CA PHE C 90 -8.92 10.67 -3.71
C PHE C 90 -9.56 11.97 -3.21
N ILE C 91 -9.21 12.37 -1.99
CA ILE C 91 -9.71 13.60 -1.40
C ILE C 91 -9.38 14.79 -2.30
N ASN C 92 -8.12 14.90 -2.70
CA ASN C 92 -7.70 15.95 -3.62
C ASN C 92 -8.49 15.90 -4.92
N ILE C 93 -8.57 14.72 -5.51
CA ILE C 93 -9.33 14.51 -6.74
C ILE C 93 -10.78 15.00 -6.60
N LEU C 94 -11.46 14.49 -5.58
CA LEU C 94 -12.84 14.85 -5.30
C LEU C 94 -12.96 16.37 -5.13
N HIS C 95 -11.88 16.98 -4.67
CA HIS C 95 -11.88 18.42 -4.41
C HIS C 95 -11.82 19.23 -5.70
N ARG C 96 -11.59 18.56 -6.83
CA ARG C 96 -11.55 19.25 -8.12
C ARG C 96 -12.78 18.94 -8.95
N GLU C 107 -15.80 11.33 -14.53
CA GLU C 107 -14.57 11.77 -15.16
C GLU C 107 -13.43 11.73 -14.16
N LEU C 108 -13.75 11.96 -12.89
CA LEU C 108 -12.77 11.76 -11.83
C LEU C 108 -12.34 10.31 -11.87
N GLU C 109 -13.28 9.44 -12.17
CA GLU C 109 -13.04 8.01 -12.11
C GLU C 109 -12.66 7.41 -13.46
N GLU C 110 -13.01 8.11 -14.54
CA GLU C 110 -12.67 7.64 -15.88
C GLU C 110 -11.19 7.82 -16.19
N HIS C 111 -10.61 8.91 -15.70
CA HIS C 111 -9.22 9.22 -15.97
C HIS C 111 -8.27 8.29 -15.24
N LYS C 112 -7.06 8.15 -15.77
CA LYS C 112 -6.05 7.27 -15.21
C LYS C 112 -5.38 7.90 -13.99
N ILE C 113 -4.84 7.05 -13.12
CA ILE C 113 -4.06 7.52 -11.98
C ILE C 113 -2.95 8.43 -12.47
N GLU C 114 -2.33 8.06 -13.59
CA GLU C 114 -1.33 8.89 -14.25
C GLU C 114 -1.84 10.31 -14.40
N THR C 115 -2.85 10.46 -15.25
CA THR C 115 -3.43 11.76 -15.56
C THR C 115 -3.61 12.62 -14.31
N TRP C 116 -4.17 12.02 -13.27
CA TRP C 116 -4.41 12.73 -12.03
C TRP C 116 -3.12 13.13 -11.32
N ARG C 117 -2.16 12.22 -11.27
CA ARG C 117 -0.87 12.51 -10.66
C ARG C 117 -0.15 13.61 -11.43
N GLU C 118 -0.33 13.62 -12.76
CA GLU C 118 0.29 14.64 -13.60
C GLU C 118 -0.32 16.03 -13.35
N VAL C 119 -1.64 16.07 -13.19
CA VAL C 119 -2.33 17.32 -12.89
C VAL C 119 -1.65 18.03 -11.73
N TYR C 120 -1.18 17.25 -10.77
CA TYR C 120 -0.51 17.77 -9.59
C TYR C 120 1.01 17.65 -9.70
N LEU C 121 1.48 17.12 -10.82
CA LEU C 121 2.91 16.87 -11.00
C LEU C 121 3.46 16.18 -9.77
N GLN C 122 2.78 15.12 -9.34
CA GLN C 122 3.07 14.46 -8.07
C GLN C 122 4.44 13.79 -8.03
N ASP C 123 4.79 13.11 -9.12
CA ASP C 123 6.06 12.40 -9.20
C ASP C 123 7.24 13.34 -8.97
N SER C 124 7.14 14.55 -9.52
CA SER C 124 8.22 15.52 -9.42
C SER C 124 8.27 16.23 -8.07
N PHE C 125 7.11 16.65 -7.57
CA PHE C 125 7.06 17.47 -6.38
C PHE C 125 7.09 16.64 -5.09
N LYS C 126 6.26 15.60 -5.01
CA LYS C 126 6.31 14.68 -3.87
C LYS C 126 6.76 13.31 -4.35
N PRO C 127 8.07 13.18 -4.60
CA PRO C 127 8.58 11.97 -5.25
C PRO C 127 8.48 10.77 -4.34
N LEU C 128 8.51 9.57 -4.90
CA LEU C 128 8.41 8.37 -4.06
C LEU C 128 9.40 8.37 -2.91
N VAL C 129 8.92 8.10 -1.70
CA VAL C 129 9.80 7.86 -0.55
C VAL C 129 9.74 6.38 -0.21
N CYS C 130 10.87 5.70 -0.30
CA CYS C 130 10.93 4.28 0.00
C CYS C 130 12.06 3.99 0.97
N ILE C 131 12.03 2.81 1.57
CA ILE C 131 13.08 2.42 2.50
C ILE C 131 13.53 1.00 2.22
N SER C 132 14.78 0.68 2.54
CA SER C 132 15.35 -0.64 2.36
C SER C 132 15.08 -1.60 3.50
N PRO C 133 14.91 -2.88 3.21
CA PRO C 133 14.68 -3.91 4.22
C PRO C 133 15.74 -3.86 5.31
N ASN C 134 16.97 -3.52 4.92
CA ASN C 134 18.11 -3.54 5.85
C ASN C 134 18.27 -2.24 6.63
N ALA C 135 17.50 -1.23 6.26
CA ALA C 135 17.49 0.03 7.02
C ALA C 135 16.80 -0.21 8.36
N SER C 136 17.15 0.59 9.35
CA SER C 136 16.62 0.39 10.70
C SER C 136 15.21 0.96 10.86
N LEU C 137 14.48 0.43 11.83
CA LEU C 137 13.14 0.92 12.15
C LEU C 137 13.20 2.40 12.53
N PHE C 138 14.26 2.79 13.24
CA PHE C 138 14.45 4.18 13.62
C PHE C 138 14.46 5.07 12.37
N ASP C 139 15.17 4.63 11.35
CA ASP C 139 15.22 5.34 10.07
C ASP C 139 13.83 5.41 9.45
N ALA C 140 13.06 4.35 9.58
CA ALA C 140 11.71 4.29 9.03
C ALA C 140 10.81 5.32 9.71
N VAL C 141 10.81 5.32 11.04
CA VAL C 141 10.04 6.28 11.80
C VAL C 141 10.45 7.71 11.42
N SER C 142 11.75 7.96 11.41
CA SER C 142 12.28 9.27 11.03
C SER C 142 11.81 9.68 9.65
N SER C 143 11.89 8.76 8.69
CA SER C 143 11.51 9.05 7.31
C SER C 143 10.02 9.38 7.21
N LEU C 144 9.18 8.55 7.84
CA LEU C 144 7.74 8.79 7.88
C LEU C 144 7.44 10.18 8.41
N ILE C 145 8.09 10.53 9.53
CA ILE C 145 7.83 11.79 10.21
C ILE C 145 8.26 13.02 9.41
N ARG C 146 9.49 13.01 8.92
CA ARG C 146 10.06 14.18 8.24
C ARG C 146 9.43 14.40 6.87
N ASN C 147 8.91 13.34 6.26
CA ASN C 147 8.27 13.44 4.95
C ASN C 147 6.75 13.57 5.05
N LYS C 148 6.23 13.55 6.27
CA LYS C 148 4.80 13.70 6.50
C LYS C 148 3.95 12.73 5.68
N ILE C 149 4.35 11.47 5.68
CA ILE C 149 3.60 10.41 5.00
C ILE C 149 3.32 9.27 5.97
N HIS C 150 2.32 8.45 5.65
CA HIS C 150 1.94 7.34 6.52
C HIS C 150 2.32 5.98 5.93
N ARG C 151 2.67 5.96 4.66
CA ARG C 151 3.06 4.73 3.99
C ARG C 151 4.52 4.79 3.56
N LEU C 152 5.27 3.72 3.86
CA LEU C 152 6.67 3.65 3.48
C LEU C 152 6.99 2.29 2.85
N PRO C 153 6.97 2.22 1.52
CA PRO C 153 7.27 0.98 0.80
C PRO C 153 8.66 0.46 1.12
N VAL C 154 8.76 -0.81 1.50
CA VAL C 154 10.04 -1.46 1.73
C VAL C 154 10.51 -2.09 0.43
N ILE C 155 11.51 -1.48 -0.20
CA ILE C 155 11.99 -1.96 -1.50
C ILE C 155 13.40 -2.52 -1.42
N ASP C 156 13.60 -3.67 -2.05
CA ASP C 156 14.90 -4.32 -2.12
C ASP C 156 15.76 -3.69 -3.21
N PRO C 157 16.89 -3.08 -2.82
CA PRO C 157 17.79 -2.41 -3.75
C PRO C 157 18.31 -3.40 -4.80
N GLU C 158 18.53 -4.63 -4.41
CA GLU C 158 19.04 -5.65 -5.30
C GLU C 158 18.13 -6.02 -6.47
N SER C 159 16.86 -6.19 -6.22
CA SER C 159 15.92 -6.59 -7.27
C SER C 159 15.01 -5.45 -7.69
N GLY C 160 14.87 -4.46 -6.82
CA GLY C 160 13.98 -3.34 -7.08
C GLY C 160 12.55 -3.67 -6.70
N ASN C 161 12.35 -4.85 -6.13
CA ASN C 161 11.03 -5.31 -5.73
C ASN C 161 10.52 -4.61 -4.47
N THR C 162 9.23 -4.32 -4.45
CA THR C 162 8.59 -3.85 -3.22
C THR C 162 8.15 -5.05 -2.42
N LEU C 163 8.62 -5.15 -1.18
CA LEU C 163 8.37 -6.32 -0.35
C LEU C 163 7.21 -6.10 0.62
N TYR C 164 7.07 -4.87 1.10
CA TYR C 164 6.13 -4.58 2.16
C TYR C 164 5.84 -3.08 2.25
N ILE C 165 4.74 -2.71 2.89
CA ILE C 165 4.40 -1.31 3.09
C ILE C 165 4.35 -0.96 4.57
N LEU C 166 5.31 -0.15 5.01
CA LEU C 166 5.40 0.21 6.42
C LEU C 166 4.43 1.31 6.80
N THR C 167 3.94 1.26 8.04
CA THR C 167 3.07 2.30 8.58
C THR C 167 3.39 2.54 10.05
N HIS C 168 3.02 3.71 10.55
CA HIS C 168 3.22 4.03 11.97
C HIS C 168 2.61 2.95 12.84
N LYS C 169 1.41 2.50 12.46
CA LYS C 169 0.66 1.54 13.25
C LYS C 169 1.43 0.24 13.44
N ARG C 170 1.99 -0.28 12.35
CA ARG C 170 2.72 -1.53 12.37
C ARG C 170 4.01 -1.41 13.18
N ILE C 171 4.69 -0.27 13.03
CA ILE C 171 5.89 0.00 13.80
C ILE C 171 5.58 0.15 15.28
N LEU C 172 4.45 0.76 15.59
CA LEU C 172 4.06 0.99 16.98
C LEU C 172 3.71 -0.32 17.69
N LYS C 173 2.99 -1.19 16.99
CA LYS C 173 2.66 -2.51 17.54
C LYS C 173 3.95 -3.24 17.88
N PHE C 174 4.90 -3.22 16.95
CA PHE C 174 6.19 -3.85 17.13
C PHE C 174 6.87 -3.29 18.39
N LEU C 175 6.91 -1.96 18.48
CA LEU C 175 7.50 -1.29 19.63
C LEU C 175 6.73 -1.67 20.90
N LYS C 176 5.41 -1.80 20.77
CA LYS C 176 4.54 -2.10 21.89
C LYS C 176 4.84 -3.48 22.47
N LEU C 177 5.03 -4.45 21.59
CA LEU C 177 5.39 -5.81 22.01
C LEU C 177 6.65 -5.74 22.89
N PHE C 178 7.55 -4.82 22.54
CA PHE C 178 8.76 -4.60 23.32
C PHE C 178 8.46 -3.82 24.59
N ILE C 179 7.69 -2.74 24.44
CA ILE C 179 7.34 -1.90 25.57
C ILE C 179 6.79 -2.70 26.74
N THR C 180 5.72 -3.44 26.48
CA THR C 180 5.05 -4.20 27.53
C THR C 180 5.95 -5.25 28.18
N GLU C 181 6.95 -5.73 27.42
CA GLU C 181 7.71 -6.90 27.81
C GLU C 181 9.08 -6.62 28.47
N PHE C 182 9.52 -5.37 28.47
CA PHE C 182 10.79 -5.02 29.09
C PHE C 182 10.65 -3.78 29.96
N PRO C 183 11.45 -3.68 31.04
CA PRO C 183 11.38 -2.56 31.98
C PRO C 183 11.18 -1.21 31.29
N LYS C 184 10.26 -0.42 31.84
CA LYS C 184 9.89 0.86 31.26
C LYS C 184 10.72 2.01 31.81
N PRO C 185 10.96 3.03 30.97
CA PRO C 185 11.62 4.27 31.36
C PRO C 185 10.73 5.04 32.32
N GLU C 186 11.31 5.96 33.09
CA GLU C 186 10.52 6.70 34.06
C GLU C 186 9.51 7.62 33.37
N PHE C 187 9.84 8.08 32.17
CA PHE C 187 8.98 9.01 31.45
C PHE C 187 7.70 8.35 30.96
N MET C 188 7.74 7.03 30.80
CA MET C 188 6.53 6.29 30.45
C MET C 188 5.46 6.48 31.50
N SER C 189 5.89 6.69 32.74
CA SER C 189 4.98 6.91 33.86
C SER C 189 4.42 8.34 33.85
N LYS C 190 5.20 9.28 33.31
CA LYS C 190 4.80 10.69 33.28
C LYS C 190 3.49 10.93 32.53
N SER C 191 2.74 11.94 32.95
CA SER C 191 1.46 12.25 32.35
C SER C 191 1.64 13.02 31.05
N LEU C 192 0.54 13.29 30.35
CA LEU C 192 0.59 13.91 29.03
C LEU C 192 1.04 15.36 29.07
N GLU C 193 0.36 16.17 29.89
CA GLU C 193 0.77 17.55 30.08
C GLU C 193 2.23 17.57 30.51
N GLU C 194 2.55 16.70 31.45
CA GLU C 194 3.92 16.57 31.97
C GLU C 194 4.94 16.36 30.87
N LEU C 195 4.52 15.68 29.81
CA LEU C 195 5.43 15.34 28.72
C LEU C 195 5.22 16.19 27.47
N GLN C 196 4.12 16.90 27.43
CA GLN C 196 3.90 17.80 26.33
C GLN C 196 3.82 17.11 25.00
N ILE C 197 3.15 15.98 24.96
CA ILE C 197 3.00 15.22 23.73
C ILE C 197 1.62 15.43 23.12
N GLY C 198 1.57 15.73 21.83
CA GLY C 198 0.33 16.00 21.17
C GLY C 198 0.28 17.38 20.58
N THR C 199 -0.80 17.70 19.92
CA THR C 199 -0.95 18.98 19.32
C THR C 199 -2.08 19.73 19.98
N TYR C 200 -1.78 20.91 20.52
CA TYR C 200 -2.73 21.70 21.25
C TYR C 200 -3.04 23.08 20.73
N ALA C 201 -2.66 23.37 19.50
CA ALA C 201 -2.91 24.66 18.87
C ALA C 201 -3.34 24.48 17.42
N ASN C 202 -4.19 25.39 16.96
CA ASN C 202 -4.70 25.35 15.58
C ASN C 202 -5.38 24.03 15.25
N ILE C 203 -6.07 23.45 16.22
CA ILE C 203 -6.80 22.21 16.02
C ILE C 203 -7.88 22.40 14.96
N ALA C 204 -7.91 21.50 13.98
CA ALA C 204 -8.93 21.54 12.95
C ALA C 204 -10.14 20.72 13.38
N MET C 205 -11.29 21.37 13.50
CA MET C 205 -12.51 20.70 13.94
C MET C 205 -13.70 21.13 13.09
N VAL C 206 -14.81 20.43 13.25
CA VAL C 206 -16.03 20.77 12.52
C VAL C 206 -17.24 20.80 13.46
N ARG C 207 -18.25 21.54 13.09
CA ARG C 207 -19.43 21.58 13.89
C ARG C 207 -20.42 20.65 13.28
N THR C 208 -21.34 20.14 14.08
CA THR C 208 -22.32 19.18 13.58
C THR C 208 -23.08 19.77 12.40
N THR C 209 -23.25 21.10 12.44
CA THR C 209 -23.97 21.82 11.40
C THR C 209 -23.17 21.93 10.11
N THR C 210 -21.85 21.81 10.22
CA THR C 210 -20.95 22.00 9.09
C THR C 210 -21.26 21.06 7.93
N PRO C 211 -21.39 21.60 6.72
CA PRO C 211 -21.58 20.80 5.50
C PRO C 211 -20.35 19.93 5.24
N VAL C 212 -20.55 18.83 4.52
CA VAL C 212 -19.46 17.91 4.23
C VAL C 212 -18.40 18.52 3.31
N TYR C 213 -18.85 19.30 2.34
CA TYR C 213 -17.92 19.93 1.38
C TYR C 213 -17.01 20.93 2.08
N VAL C 214 -17.52 21.58 3.11
CA VAL C 214 -16.70 22.48 3.93
C VAL C 214 -15.59 21.68 4.58
N ALA C 215 -15.96 20.58 5.23
CA ALA C 215 -15.00 19.67 5.84
C ALA C 215 -13.98 19.19 4.82
N LEU C 216 -14.45 18.90 3.61
CA LEU C 216 -13.59 18.50 2.51
C LEU C 216 -12.48 19.54 2.35
N GLY C 217 -12.88 20.80 2.21
CA GLY C 217 -11.94 21.89 2.03
C GLY C 217 -10.91 22.01 3.13
N ILE C 218 -11.34 21.81 4.37
CA ILE C 218 -10.43 21.97 5.50
C ILE C 218 -9.45 20.79 5.60
N PHE C 219 -9.88 19.61 5.15
CA PHE C 219 -8.98 18.47 5.06
C PHE C 219 -7.79 18.83 4.18
N VAL C 220 -8.09 19.28 2.97
CA VAL C 220 -7.07 19.67 1.99
C VAL C 220 -6.24 20.84 2.50
N GLN C 221 -6.87 21.70 3.30
CA GLN C 221 -6.23 22.92 3.78
C GLN C 221 -5.27 22.67 4.94
N HIS C 222 -5.58 21.69 5.78
CA HIS C 222 -4.83 21.46 7.00
C HIS C 222 -3.99 20.18 6.97
N ARG C 223 -4.16 19.39 5.92
CA ARG C 223 -3.41 18.14 5.79
C ARG C 223 -3.52 17.29 7.06
N VAL C 224 -4.75 17.04 7.48
CA VAL C 224 -5.00 16.27 8.68
C VAL C 224 -5.96 15.11 8.40
N SER C 225 -5.74 13.98 9.05
CA SER C 225 -6.53 12.77 8.84
C SER C 225 -7.98 12.77 9.27
N ALA C 226 -8.24 13.27 10.46
CA ALA C 226 -9.60 13.29 10.99
C ALA C 226 -9.94 14.59 11.71
N LEU C 227 -11.22 14.91 11.74
CA LEU C 227 -11.69 16.16 12.33
C LEU C 227 -12.69 15.90 13.46
N PRO C 228 -12.37 16.38 14.66
CA PRO C 228 -13.31 16.30 15.77
C PRO C 228 -14.60 17.04 15.44
N VAL C 229 -15.74 16.43 15.73
CA VAL C 229 -17.03 17.07 15.53
C VAL C 229 -17.51 17.65 16.85
N VAL C 230 -17.86 18.94 16.85
CA VAL C 230 -18.21 19.63 18.08
C VAL C 230 -19.59 20.27 18.02
N ASP C 231 -20.22 20.38 19.18
CA ASP C 231 -21.54 21.02 19.29
C ASP C 231 -21.39 22.52 19.49
N GLU C 232 -22.47 23.17 19.80
CA GLU C 232 -22.46 24.58 19.99
C GLU C 232 -21.54 24.92 21.17
N LYS C 233 -21.50 24.06 22.17
CA LYS C 233 -20.66 24.25 23.34
C LYS C 233 -19.18 24.10 23.01
N GLY C 234 -18.88 23.27 22.01
CA GLY C 234 -17.51 22.99 21.65
C GLY C 234 -17.08 21.62 22.14
N ARG C 235 -17.99 20.94 22.83
CA ARG C 235 -17.73 19.60 23.32
C ARG C 235 -17.66 18.64 22.14
N VAL C 236 -16.76 17.65 22.23
CA VAL C 236 -16.60 16.68 21.17
C VAL C 236 -17.71 15.64 21.21
N VAL C 237 -18.35 15.40 20.07
CA VAL C 237 -19.45 14.46 20.00
C VAL C 237 -19.15 13.32 19.04
N ASP C 238 -18.30 13.59 18.06
CA ASP C 238 -17.94 12.59 17.06
C ASP C 238 -16.63 12.95 16.37
N ILE C 239 -16.12 12.03 15.56
CA ILE C 239 -14.91 12.29 14.78
C ILE C 239 -15.21 12.05 13.30
N TYR C 240 -14.78 12.97 12.45
CA TYR C 240 -15.02 12.85 11.02
C TYR C 240 -13.69 12.66 10.29
N SER C 241 -13.65 11.69 9.38
CA SER C 241 -12.41 11.35 8.69
C SER C 241 -12.51 11.47 7.18
N LYS C 242 -11.36 11.47 6.52
CA LYS C 242 -11.31 11.51 5.06
C LYS C 242 -12.10 10.36 4.45
N PHE C 243 -12.09 9.21 5.12
CA PHE C 243 -12.78 8.03 4.64
C PHE C 243 -14.29 8.22 4.65
N ASP C 244 -14.79 8.95 5.65
CA ASP C 244 -16.21 9.29 5.71
C ASP C 244 -16.61 10.07 4.46
N VAL C 245 -15.80 11.06 4.10
CA VAL C 245 -16.04 11.87 2.92
C VAL C 245 -16.08 11.00 1.66
N ILE C 246 -15.11 10.10 1.56
CA ILE C 246 -15.01 9.21 0.39
C ILE C 246 -16.17 8.21 0.35
N ASN C 247 -16.55 7.71 1.52
CA ASN C 247 -17.71 6.82 1.62
C ASN C 247 -18.97 7.51 1.11
N LEU C 248 -19.18 8.74 1.58
CA LEU C 248 -20.36 9.52 1.20
C LEU C 248 -20.39 9.77 -0.30
N ALA C 249 -19.23 10.05 -0.88
CA ALA C 249 -19.12 10.34 -2.31
C ALA C 249 -19.37 9.11 -3.17
N ALA C 250 -18.85 7.96 -2.73
CA ALA C 250 -19.02 6.70 -3.45
C ALA C 250 -20.50 6.34 -3.54
N GLU C 251 -21.26 6.86 -2.57
CA GLU C 251 -22.69 6.66 -2.45
C GLU C 251 -23.42 7.34 -3.60
N LYS C 252 -22.76 8.32 -4.20
CA LYS C 252 -23.28 9.06 -5.36
C LYS C 252 -24.69 9.63 -5.22
N THR C 253 -25.13 9.90 -3.98
CA THR C 253 -26.43 10.51 -3.76
C THR C 253 -26.29 11.98 -3.40
N ASN C 256 -24.84 14.63 -1.24
CA ASN C 256 -24.52 15.60 -2.28
C ASN C 256 -23.43 16.56 -1.82
N LEU C 257 -22.85 16.27 -0.65
CA LEU C 257 -21.80 17.09 -0.06
C LEU C 257 -22.38 18.32 0.67
N ASP C 258 -23.56 18.75 0.24
CA ASP C 258 -24.23 19.90 0.85
C ASP C 258 -24.75 19.55 2.25
N VAL C 259 -25.00 18.27 2.47
CA VAL C 259 -25.53 17.78 3.74
C VAL C 259 -24.55 18.03 4.89
N SER C 260 -25.07 18.24 6.09
CA SER C 260 -24.22 18.52 7.25
C SER C 260 -23.45 17.27 7.68
N VAL C 261 -22.62 17.44 8.71
CA VAL C 261 -21.69 16.39 9.13
C VAL C 261 -22.37 15.25 9.90
N THR C 262 -23.36 15.57 10.71
CA THR C 262 -24.04 14.54 11.51
C THR C 262 -24.93 13.66 10.66
N LYS C 263 -25.59 14.25 9.67
CA LYS C 263 -26.45 13.48 8.77
C LYS C 263 -25.64 12.45 7.99
N ALA C 264 -24.49 12.89 7.47
CA ALA C 264 -23.59 12.00 6.76
C ALA C 264 -23.10 10.89 7.68
N LEU C 265 -22.91 11.23 8.95
CA LEU C 265 -22.45 10.25 9.94
C LEU C 265 -23.53 9.21 10.25
N GLN C 266 -24.77 9.56 9.96
CA GLN C 266 -25.87 8.61 10.16
C GLN C 266 -25.78 7.48 9.14
N HIS C 267 -25.06 7.73 8.05
CA HIS C 267 -24.90 6.74 6.99
C HIS C 267 -23.89 5.65 7.35
N ARG C 268 -23.14 5.86 8.43
CA ARG C 268 -22.02 4.99 8.78
C ARG C 268 -22.38 3.50 8.89
N SER C 269 -21.36 2.71 9.22
CA SER C 269 -21.50 1.26 9.35
C SER C 269 -21.94 0.61 8.04
N VAL C 275 -16.63 7.75 20.91
CA VAL C 275 -15.44 8.45 20.45
C VAL C 275 -14.36 8.22 21.45
N LEU C 276 -13.12 8.23 21.02
CA LEU C 276 -12.05 7.97 21.95
C LEU C 276 -11.28 9.20 22.30
N LYS C 277 -11.15 9.41 23.59
CA LYS C 277 -10.50 10.59 24.08
C LYS C 277 -9.61 10.27 25.22
N CYS C 278 -8.77 11.23 25.55
CA CYS C 278 -7.88 11.01 26.68
C CYS C 278 -7.82 12.24 27.57
N TYR C 279 -7.20 12.09 28.74
CA TYR C 279 -7.04 13.21 29.66
C TYR C 279 -5.56 13.51 29.88
N LEU C 280 -5.24 14.78 30.08
CA LEU C 280 -3.86 15.21 30.26
C LEU C 280 -3.18 14.55 31.47
N HIS C 281 -3.97 14.21 32.48
CA HIS C 281 -3.41 13.65 33.70
C HIS C 281 -3.06 12.17 33.57
N GLU C 282 -3.56 11.53 32.53
CA GLU C 282 -3.28 10.11 32.29
C GLU C 282 -1.82 9.91 31.87
N THR C 283 -1.30 8.71 32.14
CA THR C 283 0.10 8.41 31.83
C THR C 283 0.32 8.11 30.35
N LEU C 284 1.52 8.43 29.86
CA LEU C 284 1.90 8.16 28.48
C LEU C 284 1.73 6.68 28.14
N GLU C 285 2.11 5.82 29.08
CA GLU C 285 1.96 4.37 28.93
C GLU C 285 0.48 3.97 28.80
N ALA C 286 -0.37 4.56 29.61
CA ALA C 286 -1.79 4.28 29.53
C ALA C 286 -2.41 4.79 28.21
N ILE C 287 -2.02 5.98 27.79
CA ILE C 287 -2.40 6.52 26.49
C ILE C 287 -2.06 5.56 25.33
N ILE C 288 -0.83 5.07 25.33
CA ILE C 288 -0.34 4.14 24.31
C ILE C 288 -1.19 2.86 24.26
N ASN C 289 -1.27 2.15 25.38
CA ASN C 289 -2.11 0.97 25.46
C ASN C 289 -3.48 1.22 24.84
N ARG C 290 -4.11 2.33 25.21
CA ARG C 290 -5.42 2.69 24.67
C ARG C 290 -5.41 2.77 23.15
N LEU C 291 -4.40 3.43 22.60
CA LEU C 291 -4.26 3.56 21.16
C LEU C 291 -4.17 2.20 20.48
N VAL C 292 -3.22 1.39 20.95
CA VAL C 292 -2.93 0.09 20.35
C VAL C 292 -4.07 -0.90 20.55
N GLU C 293 -4.71 -0.86 21.71
CA GLU C 293 -5.80 -1.78 22.02
C GLU C 293 -6.92 -1.69 20.99
N ALA C 294 -7.37 -0.47 20.74
CA ALA C 294 -8.52 -0.24 19.86
C ALA C 294 -8.06 -0.03 18.42
N GLU C 295 -6.80 -0.35 18.16
CA GLU C 295 -6.20 -0.15 16.84
C GLU C 295 -6.68 1.14 16.17
N VAL C 296 -6.84 2.18 16.97
CA VAL C 296 -7.28 3.47 16.45
C VAL C 296 -6.05 4.36 16.23
N HIS C 297 -6.22 5.43 15.47
CA HIS C 297 -5.08 6.23 15.03
C HIS C 297 -4.77 7.47 15.88
N ARG C 298 -5.76 7.98 16.63
CA ARG C 298 -5.49 9.09 17.53
C ARG C 298 -6.58 9.26 18.61
N LEU C 299 -6.26 10.08 19.60
CA LEU C 299 -7.21 10.39 20.66
C LEU C 299 -7.51 11.88 20.68
N VAL C 300 -8.70 12.24 21.07
CA VAL C 300 -9.01 13.63 21.21
C VAL C 300 -8.72 13.94 22.65
N VAL C 301 -7.90 14.94 22.91
CA VAL C 301 -7.64 15.33 24.29
C VAL C 301 -8.71 16.32 24.71
N VAL C 302 -9.36 16.07 25.84
CA VAL C 302 -10.50 16.87 26.24
C VAL C 302 -10.62 17.23 27.72
N ASP C 303 -11.40 18.28 27.98
CA ASP C 303 -11.70 18.76 29.33
C ASP C 303 -12.72 17.84 29.97
N GLU C 304 -13.00 18.09 31.24
CA GLU C 304 -13.93 17.26 32.00
C GLU C 304 -15.27 17.30 31.31
N HIS C 305 -15.60 18.46 30.76
CA HIS C 305 -16.85 18.68 30.05
C HIS C 305 -16.77 18.16 28.62
N ASP C 306 -15.59 17.67 28.26
CA ASP C 306 -15.36 17.12 26.93
C ASP C 306 -15.02 18.16 25.89
N VAL C 307 -14.81 19.39 26.32
CA VAL C 307 -14.38 20.41 25.40
C VAL C 307 -13.01 19.96 24.93
N VAL C 308 -12.72 20.17 23.66
CA VAL C 308 -11.49 19.67 23.09
C VAL C 308 -10.29 20.51 23.45
N LYS C 309 -9.28 19.88 24.04
CA LYS C 309 -8.05 20.56 24.40
C LYS C 309 -6.91 20.29 23.43
N GLY C 310 -6.83 19.05 22.96
CA GLY C 310 -5.74 18.59 22.12
C GLY C 310 -5.98 17.32 21.35
N ILE C 311 -4.93 16.84 20.67
CA ILE C 311 -4.98 15.63 19.88
C ILE C 311 -3.64 14.90 19.92
N VAL C 312 -3.68 13.62 20.27
CA VAL C 312 -2.47 12.79 20.26
C VAL C 312 -2.62 11.64 19.28
N SER C 313 -1.77 11.61 18.27
CA SER C 313 -1.84 10.61 17.25
C SER C 313 -0.64 9.73 17.27
N LEU C 314 -0.66 8.67 16.48
CA LEU C 314 0.38 7.68 16.54
C LEU C 314 1.68 8.31 16.26
N SER C 315 1.72 9.21 15.32
CA SER C 315 2.96 9.89 15.00
C SER C 315 3.48 10.69 16.16
N ASP C 316 2.61 11.30 16.94
CA ASP C 316 3.05 12.03 18.11
C ASP C 316 3.72 11.08 19.08
N ILE C 317 3.19 9.88 19.20
CA ILE C 317 3.72 8.85 20.07
C ILE C 317 5.09 8.37 19.60
N LEU C 318 5.18 7.98 18.34
CA LEU C 318 6.42 7.48 17.77
C LEU C 318 7.56 8.48 17.89
N GLN C 319 7.31 9.73 17.52
CA GLN C 319 8.33 10.76 17.60
C GLN C 319 8.78 10.97 19.05
N ALA C 320 7.83 10.87 19.98
CA ALA C 320 8.13 11.03 21.40
C ALA C 320 9.01 9.90 21.92
N LEU C 321 8.61 8.67 21.64
CA LEU C 321 9.34 7.50 22.10
C LEU C 321 10.66 7.33 21.36
N VAL C 322 10.57 7.30 20.04
CA VAL C 322 11.68 6.88 19.19
C VAL C 322 12.58 8.03 18.75
N LEU C 323 12.02 8.94 17.95
CA LEU C 323 12.77 10.06 17.42
C LEU C 323 13.24 10.99 18.52
N THR C 324 12.90 10.67 19.75
CA THR C 324 13.16 11.57 20.86
C THR C 324 13.12 10.83 22.20
PG ATP D . -3.45 6.56 5.00
O1G ATP D . -4.76 6.00 4.68
O2G ATP D . -3.40 7.41 6.18
O3G ATP D . -2.40 5.54 4.90
PB ATP D . -3.40 9.07 3.96
O1B ATP D . -4.16 9.41 5.17
O2B ATP D . -3.82 9.54 2.66
O3B ATP D . -3.14 7.54 3.85
PA ATP D . -0.60 9.38 3.39
O1A ATP D . -0.40 7.98 3.15
O2A ATP D . 0.42 10.04 4.16
O3A ATP D . -1.94 9.63 4.18
O5' ATP D . -0.84 10.14 2.06
C5' ATP D . -0.58 11.52 1.88
C4' ATP D . -0.08 11.81 0.48
O4' ATP D . 1.27 11.44 0.38
C3' ATP D . -0.80 11.04 -0.59
O3' ATP D . -1.13 11.88 -1.66
C2' ATP D . 0.21 10.05 -1.10
O2' ATP D . 0.13 9.99 -2.49
C1' ATP D . 1.52 10.62 -0.71
N9 ATP D . 2.38 9.55 -0.24
C8 ATP D . 2.07 8.68 0.68
N7 ATP D . 3.07 7.84 0.89
C5 ATP D . 4.05 8.18 0.08
C6 ATP D . 5.40 7.70 -0.22
N6 ATP D . 5.96 6.67 0.40
N1 ATP D . 6.06 8.36 -1.14
C2 ATP D . 5.58 9.39 -1.79
N3 ATP D . 4.38 9.86 -1.58
C4 ATP D . 3.59 9.31 -0.66
PG ATP E . -1.54 8.25 11.87
O1G ATP E . -2.93 8.52 11.39
O2G ATP E . -1.26 8.36 13.31
O3G ATP E . -0.85 7.13 11.16
PB ATP E . -1.13 10.55 12.64
O1B ATP E . -0.09 10.57 13.68
O2B ATP E . -2.53 10.22 12.88
O3B ATP E . -0.69 9.53 11.59
PA ATP E . -2.40 12.74 11.77
O1A ATP E . -3.47 12.30 12.65
O2A ATP E . -2.65 13.02 10.35
O3A ATP E . -1.12 11.88 11.87
O5' ATP E . -1.75 14.02 12.40
C5' ATP E . -0.38 14.26 12.31
C4' ATP E . -0.04 15.44 13.19
O4' ATP E . -1.15 16.30 13.20
C3' ATP E . 0.12 14.96 14.60
O3' ATP E . 1.07 15.73 15.29
C2' ATP E . -1.19 15.25 15.23
O2' ATP E . -0.84 15.56 16.55
C1' ATP E . -1.72 16.41 14.48
N9 ATP E . -3.17 16.37 14.30
C8 ATP E . -3.93 15.29 14.16
N7 ATP E . -5.22 15.61 14.01
C5 ATP E . -5.30 16.92 14.05
C6 ATP E . -6.37 17.92 13.96
N6 ATP E . -7.64 17.59 13.79
N1 ATP E . -6.03 19.20 14.05
C2 ATP E . -4.78 19.57 14.22
N3 ATP E . -3.77 18.72 14.32
C4 ATP E . -3.97 17.40 14.25
C TAM F . -3.81 -1.72 8.65
C1 TAM F . -4.40 -1.98 7.28
C2 TAM F . -2.90 -0.51 8.68
C3 TAM F . -3.00 -2.93 9.00
C4 TAM F . -4.38 -0.77 6.39
C5 TAM F . -3.65 0.79 8.47
C6 TAM F . -3.81 -3.81 9.92
N TAM F . -4.88 -1.58 9.62
O4 TAM F . -4.61 -1.27 5.09
O5 TAM F . -2.79 1.87 8.81
O6 TAM F . -3.49 -5.17 9.63
#